data_4FK6
#
_entry.id   4FK6
#
_cell.length_a   43.248
_cell.length_b   169.966
_cell.length_c   43.805
_cell.angle_alpha   90.00
_cell.angle_beta   90.51
_cell.angle_gamma   90.00
#
_symmetry.space_group_name_H-M   'P 1 21 1'
#
loop_
_entity.id
_entity.type
_entity.pdbx_description
1 polymer 'Tyrosine-protein kinase JAK1'
2 non-polymer N-({1-[(1R,2R,4S)-bicyclo[2.2.1]hept-2-yl]-1,6-dihydroimidazo[4,5-d]pyrrolo[2,3-b]pyridin-2-yl}methyl)methanesulfonamide
3 water water
#
_entity_poly.entity_id   1
_entity_poly.type   'polypeptide(L)'
_entity_poly.pdbx_seq_one_letter_code
;GDIVSEKKPATEVDPTHFEKRFLKRIRDLGEGHFGKVELCRYDPEGDNTGEQVAVKSLKPESGGNHIADLKKEIEILRNL
YHENIVKYKGICTEDGGNGIKLIMEFLPSGSLKEYLPKNKNKINLKQQLKYAVQICKGMDYLGSRQYVHRDLAARNVLVE
SEHQVKIGDFGLTKAIETDKE(PTR)(PTR)TVKDDRDSPVFWYAPECLMQSKFYIASDVWSFGVTLHELLTYCDSDSSP
MALFLKMIGPTHGQMTVTRLVNTLKEGKRLPCPPNCPDEVYQLMRKCWEFQPSNRTSFQNLIEGFEALLK
;
_entity_poly.pdbx_strand_id   A,B
#
# COMPACT_ATOMS: atom_id res chain seq x y z
N THR A 11 37.08 -42.03 6.36
CA THR A 11 36.47 -40.83 5.77
C THR A 11 35.18 -41.21 5.06
N GLU A 12 34.02 -40.93 5.70
CA GLU A 12 32.71 -41.29 5.15
C GLU A 12 32.12 -40.31 4.14
N VAL A 13 31.15 -40.81 3.37
CA VAL A 13 30.47 -40.03 2.32
C VAL A 13 29.03 -39.65 2.68
N ASP A 14 28.73 -38.35 2.60
CA ASP A 14 27.40 -37.80 2.86
C ASP A 14 26.77 -37.49 1.49
N PRO A 15 25.73 -38.24 1.05
CA PRO A 15 25.10 -37.95 -0.25
C PRO A 15 24.28 -36.65 -0.28
N THR A 16 23.97 -36.07 0.90
CA THR A 16 23.24 -34.81 1.05
C THR A 16 24.20 -33.60 1.16
N HIS A 17 25.53 -33.81 1.00
CA HIS A 17 26.47 -32.70 1.04
C HIS A 17 26.98 -32.35 -0.35
N PHE A 18 26.68 -31.13 -0.77
CA PHE A 18 27.06 -30.60 -2.08
C PHE A 18 28.13 -29.54 -1.90
N GLU A 19 29.21 -29.62 -2.69
CA GLU A 19 30.30 -28.64 -2.66
C GLU A 19 29.98 -27.52 -3.65
N LYS A 20 30.05 -26.25 -3.22
CA LYS A 20 29.72 -25.10 -4.08
C LYS A 20 30.56 -24.99 -5.36
N ARG A 21 31.81 -25.45 -5.30
N ARG A 21 31.82 -25.45 -5.30
CA ARG A 21 32.80 -25.47 -6.38
CA ARG A 21 32.80 -25.45 -6.39
C ARG A 21 32.28 -26.25 -7.60
C ARG A 21 32.33 -26.28 -7.59
N PHE A 22 31.52 -27.33 -7.35
CA PHE A 22 30.97 -28.20 -8.39
C PHE A 22 29.59 -27.78 -8.89
N LEU A 23 29.02 -26.74 -8.26
CA LEU A 23 27.70 -26.20 -8.59
C LEU A 23 27.87 -25.17 -9.70
N LYS A 24 27.29 -25.45 -10.88
CA LYS A 24 27.39 -24.58 -12.04
C LYS A 24 26.01 -24.02 -12.41
N ARG A 25 25.79 -22.71 -12.24
CA ARG A 25 24.53 -22.04 -12.57
C ARG A 25 24.22 -22.15 -14.07
N ILE A 26 22.95 -22.41 -14.41
CA ILE A 26 22.41 -22.55 -15.78
C ILE A 26 21.40 -21.41 -16.04
N ARG A 27 20.41 -21.24 -15.14
CA ARG A 27 19.36 -20.20 -15.24
C ARG A 27 18.63 -19.97 -13.92
N ASP A 28 17.88 -18.85 -13.81
CA ASP A 28 17.12 -18.51 -12.61
C ASP A 28 15.75 -19.19 -12.69
N LEU A 29 15.32 -19.80 -11.57
CA LEU A 29 14.01 -20.46 -11.49
C LEU A 29 12.98 -19.54 -10.83
N GLY A 30 13.44 -18.72 -9.89
CA GLY A 30 12.62 -17.74 -9.18
C GLY A 30 13.41 -16.94 -8.18
N GLU A 31 12.85 -15.81 -7.72
CA GLU A 31 13.45 -14.91 -6.73
C GLU A 31 12.45 -13.99 -6.07
N PHE A 34 14.80 -11.57 -0.76
CA PHE A 34 15.74 -12.17 0.21
C PHE A 34 16.30 -13.52 -0.26
N GLY A 35 15.57 -14.21 -1.12
CA GLY A 35 15.95 -15.52 -1.63
C GLY A 35 15.88 -15.65 -3.13
N LYS A 36 16.69 -16.55 -3.70
CA LYS A 36 16.71 -16.84 -5.13
C LYS A 36 16.87 -18.33 -5.35
N VAL A 37 16.24 -18.83 -6.41
CA VAL A 37 16.32 -20.23 -6.80
C VAL A 37 16.94 -20.35 -8.19
N GLU A 38 18.01 -21.12 -8.30
CA GLU A 38 18.67 -21.30 -9.59
C GLU A 38 18.75 -22.75 -10.00
N LEU A 39 18.68 -22.99 -11.30
CA LEU A 39 18.94 -24.29 -11.90
C LEU A 39 20.48 -24.37 -12.00
N CYS A 40 21.06 -25.41 -11.38
CA CYS A 40 22.49 -25.66 -11.35
C CYS A 40 22.75 -27.08 -11.78
N ARG A 41 23.95 -27.32 -12.34
CA ARG A 41 24.37 -28.68 -12.63
C ARG A 41 25.42 -29.00 -11.58
N TYR A 42 25.24 -30.09 -10.83
CA TYR A 42 26.26 -30.50 -9.86
C TYR A 42 27.22 -31.39 -10.66
N ASP A 43 28.44 -30.90 -10.89
CA ASP A 43 29.38 -31.62 -11.74
C ASP A 43 30.75 -31.92 -11.09
N PRO A 44 30.83 -32.81 -10.04
CA PRO A 44 32.14 -33.11 -9.44
C PRO A 44 33.20 -33.74 -10.36
N GLU A 45 32.76 -34.31 -11.51
CA GLU A 45 33.67 -34.91 -12.50
C GLU A 45 34.14 -33.87 -13.54
N GLY A 46 33.49 -32.71 -13.55
CA GLY A 46 33.81 -31.60 -14.45
C GLY A 46 33.70 -31.88 -15.93
N ASP A 47 32.83 -32.82 -16.35
CA ASP A 47 32.68 -33.20 -17.75
C ASP A 47 31.27 -33.00 -18.33
N ASN A 48 30.42 -32.23 -17.64
CA ASN A 48 29.05 -31.91 -18.01
C ASN A 48 28.06 -33.09 -18.01
N THR A 49 28.38 -34.17 -17.26
CA THR A 49 27.50 -35.35 -17.17
C THR A 49 26.66 -35.30 -15.89
N GLY A 50 27.04 -34.43 -14.96
CA GLY A 50 26.39 -34.25 -13.67
C GLY A 50 24.89 -33.99 -13.68
N GLU A 51 24.25 -34.22 -12.54
CA GLU A 51 22.81 -34.00 -12.39
C GLU A 51 22.45 -32.52 -12.21
N GLN A 52 21.31 -32.13 -12.78
CA GLN A 52 20.73 -30.80 -12.63
C GLN A 52 19.92 -30.79 -11.34
N VAL A 53 20.07 -29.73 -10.55
CA VAL A 53 19.41 -29.56 -9.25
C VAL A 53 18.92 -28.13 -9.13
N ALA A 54 17.91 -27.89 -8.30
CA ALA A 54 17.43 -26.54 -7.99
C ALA A 54 18.16 -26.12 -6.70
N VAL A 55 18.72 -24.92 -6.72
CA VAL A 55 19.54 -24.41 -5.61
C VAL A 55 18.94 -23.11 -5.09
N LYS A 56 18.53 -23.11 -3.81
CA LYS A 56 17.97 -21.93 -3.18
C LYS A 56 19.08 -21.31 -2.32
N SER A 57 19.34 -20.01 -2.50
CA SER A 57 20.36 -19.24 -1.80
C SER A 57 19.79 -17.90 -1.37
N LEU A 58 20.48 -17.26 -0.43
CA LEU A 58 20.11 -15.92 0.00
C LEU A 58 20.70 -14.89 -0.95
N LYS A 59 19.96 -13.81 -1.18
CA LYS A 59 20.43 -12.69 -1.99
C LYS A 59 21.14 -11.75 -1.02
N PRO A 60 22.30 -11.14 -1.38
CA PRO A 60 22.94 -10.19 -0.44
C PRO A 60 22.13 -8.89 -0.25
N GLU A 61 21.31 -8.53 -1.26
CA GLU A 61 20.47 -7.34 -1.30
C GLU A 61 19.29 -7.43 -0.33
N ASN A 65 20.77 -10.19 7.82
CA ASN A 65 20.90 -11.56 7.35
C ASN A 65 19.66 -12.39 7.68
N HIS A 66 19.22 -13.19 6.72
CA HIS A 66 18.04 -14.07 6.81
C HIS A 66 18.44 -15.55 6.81
N ILE A 67 19.67 -15.84 7.28
CA ILE A 67 20.25 -17.19 7.37
C ILE A 67 19.41 -18.13 8.23
N ALA A 68 18.90 -17.64 9.39
CA ALA A 68 18.05 -18.44 10.30
C ALA A 68 16.78 -18.87 9.61
N ASP A 69 16.17 -17.97 8.78
CA ASP A 69 14.96 -18.27 8.01
C ASP A 69 15.18 -19.38 7.00
N LEU A 70 16.31 -19.31 6.24
CA LEU A 70 16.65 -20.34 5.26
C LEU A 70 16.94 -21.67 5.94
N LYS A 71 17.64 -21.63 7.10
CA LYS A 71 17.93 -22.84 7.87
C LYS A 71 16.64 -23.50 8.36
N LYS A 72 15.65 -22.70 8.80
CA LYS A 72 14.36 -23.23 9.25
C LYS A 72 13.62 -23.84 8.05
N GLU A 73 13.74 -23.24 6.86
CA GLU A 73 13.09 -23.74 5.62
C GLU A 73 13.68 -25.10 5.27
N ILE A 74 15.01 -25.21 5.30
CA ILE A 74 15.76 -26.43 5.06
C ILE A 74 15.30 -27.53 6.03
N GLU A 75 15.18 -27.22 7.34
CA GLU A 75 14.75 -28.19 8.34
C GLU A 75 13.32 -28.61 8.14
N ILE A 76 12.47 -27.69 7.69
CA ILE A 76 11.07 -28.00 7.39
C ILE A 76 11.03 -28.97 6.19
N LEU A 77 11.68 -28.60 5.08
CA LEU A 77 11.68 -29.39 3.85
C LEU A 77 12.35 -30.76 3.94
N ARG A 78 13.46 -30.85 4.70
CA ARG A 78 14.20 -32.09 4.95
C ARG A 78 13.29 -33.17 5.58
N ASN A 79 12.28 -32.76 6.38
CA ASN A 79 11.39 -33.69 7.06
C ASN A 79 10.00 -33.85 6.48
N LEU A 80 9.76 -33.33 5.27
CA LEU A 80 8.49 -33.52 4.57
C LEU A 80 8.73 -34.65 3.58
N TYR A 81 7.91 -35.71 3.64
CA TYR A 81 8.04 -36.85 2.75
C TYR A 81 6.64 -37.10 2.19
N HIS A 82 6.36 -36.54 1.00
CA HIS A 82 5.06 -36.66 0.36
C HIS A 82 5.25 -36.57 -1.14
N GLU A 83 4.52 -37.40 -1.89
CA GLU A 83 4.62 -37.41 -3.35
C GLU A 83 4.30 -36.08 -4.02
N ASN A 84 3.51 -35.23 -3.36
CA ASN A 84 3.11 -33.91 -3.86
C ASN A 84 3.85 -32.74 -3.20
N ILE A 85 5.04 -33.04 -2.65
CA ILE A 85 5.93 -32.06 -2.06
C ILE A 85 7.30 -32.26 -2.69
N VAL A 86 7.90 -31.18 -3.24
CA VAL A 86 9.23 -31.24 -3.87
C VAL A 86 10.26 -31.89 -2.90
N LYS A 87 11.16 -32.72 -3.44
CA LYS A 87 12.17 -33.42 -2.66
C LYS A 87 13.40 -32.59 -2.34
N TYR A 88 13.79 -32.64 -1.08
CA TYR A 88 15.03 -32.10 -0.56
C TYR A 88 16.12 -33.06 -1.04
N LYS A 89 17.23 -32.53 -1.58
CA LYS A 89 18.37 -33.35 -1.97
C LYS A 89 19.52 -33.16 -0.98
N GLY A 90 19.68 -31.95 -0.49
CA GLY A 90 20.77 -31.66 0.44
C GLY A 90 21.04 -30.19 0.67
N ILE A 91 22.22 -29.94 1.24
CA ILE A 91 22.69 -28.61 1.58
C ILE A 91 24.09 -28.37 1.06
N CYS A 92 24.42 -27.10 0.93
CA CYS A 92 25.70 -26.64 0.48
C CYS A 92 26.19 -25.62 1.51
N THR A 93 27.20 -25.99 2.29
CA THR A 93 27.79 -25.14 3.32
C THR A 93 29.27 -24.92 3.01
N GLU A 94 29.78 -23.73 3.36
CA GLU A 94 31.20 -23.39 3.19
C GLU A 94 31.93 -23.58 4.54
N ASP A 95 33.07 -24.31 4.52
CA ASP A 95 33.92 -24.66 5.67
C ASP A 95 34.18 -23.57 6.72
N GLY A 96 34.10 -22.31 6.31
CA GLY A 96 34.29 -21.15 7.18
C GLY A 96 33.11 -20.84 8.09
N GLY A 97 32.00 -21.55 7.88
CA GLY A 97 30.76 -21.41 8.63
C GLY A 97 29.87 -20.24 8.21
N ASN A 98 30.20 -19.60 7.08
CA ASN A 98 29.45 -18.46 6.57
C ASN A 98 28.50 -18.80 5.42
N GLY A 99 27.25 -19.10 5.77
CA GLY A 99 26.20 -19.39 4.80
C GLY A 99 25.81 -20.83 4.54
N ILE A 100 24.65 -20.97 3.91
CA ILE A 100 24.05 -22.24 3.51
C ILE A 100 23.21 -22.06 2.24
N LYS A 101 23.10 -23.14 1.45
CA LYS A 101 22.24 -23.22 0.25
C LYS A 101 21.38 -24.47 0.39
N LEU A 102 20.14 -24.40 -0.12
CA LEU A 102 19.21 -25.51 -0.12
C LEU A 102 19.26 -26.15 -1.50
N ILE A 103 19.46 -27.47 -1.57
CA ILE A 103 19.53 -28.23 -2.82
C ILE A 103 18.29 -29.06 -2.90
N MET A 104 17.55 -28.93 -4.00
CA MET A 104 16.31 -29.64 -4.27
C MET A 104 16.37 -30.33 -5.61
N GLU A 105 15.45 -31.27 -5.81
CA GLU A 105 15.33 -31.92 -7.11
C GLU A 105 14.80 -30.87 -8.11
N PHE A 106 15.19 -30.99 -9.37
CA PHE A 106 14.78 -30.08 -10.42
C PHE A 106 13.70 -30.73 -11.28
N LEU A 107 12.62 -30.00 -11.56
CA LEU A 107 11.51 -30.54 -12.37
C LEU A 107 11.49 -29.79 -13.67
N PRO A 108 11.99 -30.42 -14.77
CA PRO A 108 12.11 -29.71 -16.06
C PRO A 108 10.86 -29.08 -16.65
N SER A 109 9.66 -29.60 -16.34
CA SER A 109 8.43 -29.01 -16.86
C SER A 109 8.10 -27.66 -16.20
N GLY A 110 8.78 -27.34 -15.10
CA GLY A 110 8.60 -26.06 -14.41
C GLY A 110 7.33 -26.02 -13.60
N SER A 111 6.79 -24.82 -13.36
CA SER A 111 5.57 -24.68 -12.60
C SER A 111 4.32 -24.70 -13.52
N LEU A 112 3.12 -24.69 -12.92
CA LEU A 112 1.85 -24.63 -13.64
C LEU A 112 1.77 -23.37 -14.51
N LYS A 113 2.48 -22.29 -14.09
CA LYS A 113 2.54 -21.02 -14.80
C LYS A 113 3.17 -21.15 -16.19
N GLU A 114 4.14 -22.07 -16.35
CA GLU A 114 4.82 -22.31 -17.62
C GLU A 114 4.18 -23.47 -18.35
N TYR A 115 3.85 -24.53 -17.58
CA TYR A 115 3.30 -25.76 -18.13
C TYR A 115 1.89 -25.66 -18.74
N LEU A 116 0.94 -25.05 -18.02
CA LEU A 116 -0.44 -24.93 -18.47
C LEU A 116 -0.64 -24.15 -19.77
N PRO A 117 -0.08 -22.92 -19.98
CA PRO A 117 -0.28 -22.25 -21.28
C PRO A 117 0.28 -23.02 -22.48
N LYS A 118 1.34 -23.82 -22.26
CA LYS A 118 1.99 -24.63 -23.30
C LYS A 118 1.25 -25.94 -23.62
N ASN A 119 0.50 -26.49 -22.65
CA ASN A 119 -0.15 -27.80 -22.81
C ASN A 119 -1.67 -27.78 -22.68
N LYS A 120 -2.29 -26.62 -22.97
CA LYS A 120 -3.74 -26.41 -22.96
C LYS A 120 -4.48 -27.54 -23.73
N ASN A 121 -3.98 -27.89 -24.93
CA ASN A 121 -4.59 -28.93 -25.77
C ASN A 121 -4.47 -30.35 -25.20
N LYS A 122 -3.44 -30.58 -24.36
CA LYS A 122 -3.15 -31.87 -23.74
C LYS A 122 -3.93 -32.03 -22.42
N ILE A 123 -4.10 -30.93 -21.66
CA ILE A 123 -4.75 -30.92 -20.34
C ILE A 123 -6.24 -30.56 -20.37
N ASN A 124 -7.08 -31.51 -19.94
CA ASN A 124 -8.52 -31.33 -19.85
C ASN A 124 -8.98 -31.14 -18.39
N LEU A 125 -10.29 -30.90 -18.17
CA LEU A 125 -10.85 -30.70 -16.83
C LEU A 125 -10.52 -31.82 -15.84
N LYS A 126 -10.63 -33.09 -16.26
CA LYS A 126 -10.34 -34.26 -15.44
C LYS A 126 -8.90 -34.23 -14.88
N GLN A 127 -7.92 -33.89 -15.74
CA GLN A 127 -6.52 -33.80 -15.33
C GLN A 127 -6.30 -32.58 -14.42
N GLN A 128 -7.07 -31.50 -14.64
CA GLN A 128 -7.01 -30.29 -13.78
C GLN A 128 -7.52 -30.59 -12.39
N LEU A 129 -8.60 -31.38 -12.29
CA LEU A 129 -9.18 -31.77 -10.99
C LEU A 129 -8.27 -32.72 -10.22
N LYS A 130 -7.45 -33.52 -10.95
CA LYS A 130 -6.49 -34.45 -10.36
C LYS A 130 -5.32 -33.67 -9.76
N TYR A 131 -4.89 -32.59 -10.44
CA TYR A 131 -3.87 -31.67 -9.93
C TYR A 131 -4.43 -31.00 -8.65
N ALA A 132 -5.69 -30.55 -8.69
CA ALA A 132 -6.37 -29.93 -7.53
C ALA A 132 -6.31 -30.85 -6.29
N VAL A 133 -6.64 -32.16 -6.45
CA VAL A 133 -6.58 -33.19 -5.39
C VAL A 133 -5.15 -33.31 -4.82
N GLN A 134 -4.14 -33.34 -5.71
CA GLN A 134 -2.73 -33.46 -5.34
C GLN A 134 -2.24 -32.27 -4.55
N ILE A 135 -2.62 -31.07 -4.97
CA ILE A 135 -2.27 -29.84 -4.22
C ILE A 135 -2.91 -29.92 -2.81
N CYS A 136 -4.19 -30.29 -2.75
CA CYS A 136 -4.92 -30.45 -1.47
C CYS A 136 -4.27 -31.46 -0.55
N LYS A 137 -3.79 -32.58 -1.11
CA LYS A 137 -3.13 -33.66 -0.38
C LYS A 137 -1.80 -33.21 0.20
N GLY A 138 -0.97 -32.54 -0.61
CA GLY A 138 0.30 -31.98 -0.15
C GLY A 138 0.08 -30.93 0.93
N MET A 139 -0.94 -30.09 0.74
CA MET A 139 -1.34 -29.04 1.70
C MET A 139 -1.90 -29.63 3.01
N ASP A 140 -2.71 -30.70 2.90
CA ASP A 140 -3.31 -31.36 4.04
C ASP A 140 -2.23 -32.01 4.91
N TYR A 141 -1.20 -32.58 4.25
CA TYR A 141 -0.07 -33.24 4.91
C TYR A 141 0.74 -32.20 5.70
N LEU A 142 0.94 -31.02 5.09
CA LEU A 142 1.65 -29.85 5.64
C LEU A 142 0.89 -29.31 6.86
N GLY A 143 -0.42 -29.14 6.72
CA GLY A 143 -1.30 -28.65 7.78
C GLY A 143 -1.36 -29.57 8.99
N SER A 144 -1.42 -30.91 8.75
CA SER A 144 -1.46 -31.93 9.81
C SER A 144 -0.14 -31.98 10.62
N ARG A 145 0.94 -31.39 10.07
CA ARG A 145 2.27 -31.27 10.67
C ARG A 145 2.44 -29.86 11.31
N GLN A 146 1.30 -29.15 11.52
CA GLN A 146 1.17 -27.82 12.14
C GLN A 146 1.88 -26.67 11.39
N TYR A 147 1.85 -26.71 10.05
CA TYR A 147 2.47 -25.66 9.25
C TYR A 147 1.46 -24.87 8.44
N VAL A 148 1.77 -23.56 8.27
CA VAL A 148 1.06 -22.64 7.38
C VAL A 148 2.01 -22.30 6.25
N HIS A 149 1.56 -22.53 5.03
CA HIS A 149 2.37 -22.32 3.84
C HIS A 149 2.57 -20.83 3.50
N ARG A 150 1.47 -20.05 3.46
CA ARG A 150 1.47 -18.58 3.22
C ARG A 150 1.82 -18.12 1.80
N ASP A 151 2.14 -19.03 0.88
CA ASP A 151 2.51 -18.59 -0.48
C ASP A 151 2.00 -19.58 -1.53
N LEU A 152 0.78 -20.12 -1.31
CA LEU A 152 0.24 -21.08 -2.24
C LEU A 152 -0.33 -20.36 -3.47
N ALA A 153 0.33 -20.55 -4.61
CA ALA A 153 0.00 -19.97 -5.91
C ALA A 153 0.52 -20.93 -6.97
N ALA A 154 -0.06 -20.86 -8.18
CA ALA A 154 0.27 -21.73 -9.32
C ALA A 154 1.75 -21.67 -9.68
N ARG A 155 2.39 -20.50 -9.54
CA ARG A 155 3.83 -20.32 -9.77
C ARG A 155 4.65 -21.20 -8.79
N ASN A 156 4.04 -21.64 -7.66
CA ASN A 156 4.76 -22.51 -6.70
C ASN A 156 4.37 -23.95 -6.82
N VAL A 157 3.53 -24.28 -7.81
CA VAL A 157 3.11 -25.66 -8.04
C VAL A 157 3.89 -26.18 -9.26
N LEU A 158 4.81 -27.12 -9.00
CA LEU A 158 5.67 -27.73 -10.00
C LEU A 158 5.05 -28.90 -10.69
N VAL A 159 5.41 -29.14 -11.95
CA VAL A 159 4.91 -30.26 -12.72
C VAL A 159 5.96 -31.36 -12.78
N GLU A 160 5.67 -32.50 -12.15
CA GLU A 160 6.54 -33.69 -12.13
C GLU A 160 6.39 -34.45 -13.46
N SER A 161 5.15 -34.59 -13.94
CA SER A 161 4.77 -35.22 -15.19
C SER A 161 3.37 -34.73 -15.47
N GLU A 162 2.81 -35.12 -16.62
CA GLU A 162 1.43 -34.80 -17.02
C GLU A 162 0.41 -35.27 -15.96
N HIS A 163 0.76 -36.28 -15.16
CA HIS A 163 -0.11 -36.85 -14.14
C HIS A 163 0.23 -36.47 -12.71
N GLN A 164 1.33 -35.72 -12.49
CA GLN A 164 1.73 -35.39 -11.12
C GLN A 164 2.27 -33.97 -10.91
N VAL A 165 1.79 -33.31 -9.84
CA VAL A 165 2.25 -31.98 -9.42
C VAL A 165 2.86 -32.04 -8.01
N LYS A 166 3.72 -31.07 -7.68
CA LYS A 166 4.36 -30.97 -6.36
C LYS A 166 4.47 -29.51 -5.92
N ILE A 167 4.22 -29.24 -4.63
CA ILE A 167 4.40 -27.91 -4.07
C ILE A 167 5.92 -27.72 -4.04
N GLY A 168 6.40 -26.65 -4.65
CA GLY A 168 7.84 -26.47 -4.86
C GLY A 168 8.60 -25.38 -4.15
N ASP A 169 7.94 -24.63 -3.28
CA ASP A 169 8.61 -23.57 -2.55
C ASP A 169 8.00 -23.40 -1.21
N PHE A 170 8.85 -23.25 -0.20
CA PHE A 170 8.45 -23.17 1.20
C PHE A 170 9.05 -21.96 1.93
N GLY A 171 9.43 -20.94 1.16
CA GLY A 171 10.04 -19.70 1.67
C GLY A 171 9.31 -18.96 2.76
N LEU A 172 7.95 -19.06 2.80
CA LEU A 172 7.14 -18.36 3.81
C LEU A 172 6.48 -19.32 4.82
N THR A 173 6.75 -20.64 4.71
CA THR A 173 6.19 -21.66 5.59
C THR A 173 6.57 -21.41 7.05
N LYS A 174 5.57 -21.42 7.93
CA LYS A 174 5.75 -21.18 9.37
C LYS A 174 5.04 -22.22 10.18
N ALA A 175 5.61 -22.55 11.34
CA ALA A 175 5.00 -23.48 12.28
C ALA A 175 3.96 -22.73 13.07
N ILE A 176 2.77 -23.33 13.24
CA ILE A 176 1.74 -22.74 14.11
C ILE A 176 2.15 -23.26 15.50
N GLU A 177 2.31 -22.35 16.48
CA GLU A 177 2.66 -22.74 17.85
C GLU A 177 1.55 -23.62 18.47
N THR A 178 1.94 -24.53 19.39
CA THR A 178 1.03 -25.43 20.10
C THR A 178 -0.01 -24.63 20.90
N ASP A 179 -1.27 -25.12 20.93
CA ASP A 179 -2.43 -24.51 21.60
C ASP A 179 -2.88 -23.17 20.95
N LYS A 180 -2.45 -22.94 19.70
CA LYS A 180 -2.78 -21.76 18.88
C LYS A 180 -3.37 -22.21 17.55
N GLU A 181 -4.26 -21.39 16.96
CA GLU A 181 -4.90 -21.67 15.67
C GLU A 181 -4.23 -20.91 14.53
N THR A 184 1.08 -15.31 13.72
CA THR A 184 0.96 -13.85 13.64
C THR A 184 2.09 -13.30 12.76
N VAL A 185 1.70 -12.70 11.61
CA VAL A 185 2.59 -12.12 10.60
C VAL A 185 3.14 -10.77 11.06
N LYS A 186 4.48 -10.60 10.92
CA LYS A 186 5.18 -9.36 11.27
C LYS A 186 5.63 -8.69 9.97
N ASP A 187 6.47 -9.39 9.17
CA ASP A 187 6.98 -8.92 7.89
C ASP A 187 5.92 -9.28 6.84
N ASP A 188 5.27 -8.26 6.26
CA ASP A 188 4.17 -8.44 5.32
C ASP A 188 4.31 -7.58 4.03
N ARG A 189 5.47 -6.94 3.88
CA ARG A 189 5.84 -6.04 2.78
C ARG A 189 5.69 -6.65 1.39
N ASP A 190 6.10 -7.92 1.22
CA ASP A 190 6.06 -8.61 -0.07
C ASP A 190 4.97 -9.68 -0.16
N SER A 191 3.87 -9.49 0.60
CA SER A 191 2.74 -10.40 0.64
C SER A 191 2.02 -10.54 -0.71
N PRO A 192 1.69 -11.77 -1.15
CA PRO A 192 0.89 -11.93 -2.39
C PRO A 192 -0.57 -11.64 -2.04
N VAL A 193 -0.89 -10.35 -1.90
CA VAL A 193 -2.19 -9.84 -1.47
C VAL A 193 -3.40 -10.40 -2.23
N PHE A 194 -3.24 -10.67 -3.54
CA PHE A 194 -4.36 -11.20 -4.34
C PHE A 194 -4.67 -12.67 -4.11
N TRP A 195 -3.88 -13.34 -3.25
CA TRP A 195 -4.08 -14.74 -2.92
C TRP A 195 -4.48 -14.85 -1.46
N TYR A 196 -4.51 -13.71 -0.76
CA TYR A 196 -4.72 -13.60 0.69
C TYR A 196 -6.15 -13.42 1.20
N ALA A 197 -6.48 -14.18 2.26
CA ALA A 197 -7.75 -14.16 2.95
C ALA A 197 -7.90 -12.82 3.72
N PRO A 198 -9.14 -12.32 3.96
CA PRO A 198 -9.28 -11.04 4.70
C PRO A 198 -8.57 -11.00 6.06
N GLU A 199 -8.61 -12.09 6.87
CA GLU A 199 -7.93 -12.12 8.18
C GLU A 199 -6.41 -11.88 8.10
N CYS A 200 -5.78 -12.23 6.95
CA CYS A 200 -4.35 -12.04 6.70
C CYS A 200 -4.09 -10.60 6.34
N LEU A 201 -4.96 -10.04 5.49
CA LEU A 201 -4.87 -8.66 5.02
C LEU A 201 -5.24 -7.67 6.14
N MET A 202 -6.23 -8.00 6.99
CA MET A 202 -6.71 -7.09 8.04
C MET A 202 -6.04 -7.25 9.40
N GLN A 203 -5.82 -8.50 9.84
CA GLN A 203 -5.29 -8.76 11.18
C GLN A 203 -3.88 -9.34 11.22
N SER A 204 -3.27 -9.59 10.06
CA SER A 204 -1.95 -10.21 9.93
C SER A 204 -1.87 -11.57 10.68
N LYS A 205 -2.97 -12.34 10.64
CA LYS A 205 -3.07 -13.65 11.27
C LYS A 205 -3.18 -14.71 10.18
N PHE A 206 -2.40 -15.79 10.33
N PHE A 206 -2.37 -15.77 10.27
CA PHE A 206 -2.36 -16.90 9.39
CA PHE A 206 -2.42 -16.84 9.27
C PHE A 206 -2.85 -18.22 9.95
C PHE A 206 -2.84 -18.18 9.88
N TYR A 207 -4.00 -18.68 9.45
CA TYR A 207 -4.60 -19.95 9.88
C TYR A 207 -4.44 -20.97 8.76
N ILE A 208 -4.78 -22.23 9.03
CA ILE A 208 -4.77 -23.28 8.00
C ILE A 208 -5.84 -22.92 6.94
N ALA A 209 -6.97 -22.37 7.40
CA ALA A 209 -8.07 -21.93 6.56
C ALA A 209 -7.65 -20.78 5.63
N SER A 210 -6.55 -20.06 5.97
CA SER A 210 -6.04 -18.98 5.11
C SER A 210 -5.32 -19.61 3.91
N ASP A 211 -4.69 -20.78 4.12
CA ASP A 211 -4.08 -21.57 3.04
C ASP A 211 -5.18 -22.16 2.14
N VAL A 212 -6.38 -22.45 2.70
CA VAL A 212 -7.55 -22.93 1.97
C VAL A 212 -8.03 -21.82 1.02
N TRP A 213 -8.12 -20.56 1.51
CA TRP A 213 -8.48 -19.40 0.69
C TRP A 213 -7.51 -19.30 -0.48
N SER A 214 -6.19 -19.37 -0.19
CA SER A 214 -5.14 -19.29 -1.22
C SER A 214 -5.24 -20.42 -2.23
N PHE A 215 -5.70 -21.61 -1.78
CA PHE A 215 -5.87 -22.76 -2.67
C PHE A 215 -6.98 -22.48 -3.70
N GLY A 216 -8.07 -21.87 -3.24
CA GLY A 216 -9.21 -21.51 -4.07
C GLY A 216 -8.77 -20.61 -5.21
N VAL A 217 -7.86 -19.65 -4.88
CA VAL A 217 -7.26 -18.71 -5.82
C VAL A 217 -6.37 -19.46 -6.82
N THR A 218 -5.52 -20.37 -6.32
CA THR A 218 -4.65 -21.24 -7.14
C THR A 218 -5.49 -22.14 -8.06
N LEU A 219 -6.63 -22.65 -7.56
CA LEU A 219 -7.58 -23.49 -8.31
C LEU A 219 -8.16 -22.68 -9.48
N HIS A 220 -8.43 -21.38 -9.23
CA HIS A 220 -8.93 -20.46 -10.26
C HIS A 220 -7.86 -20.30 -11.36
N GLU A 221 -6.57 -20.18 -10.98
CA GLU A 221 -5.45 -20.03 -11.94
C GLU A 221 -5.32 -21.26 -12.83
N LEU A 222 -5.41 -22.44 -12.20
CA LEU A 222 -5.31 -23.77 -12.84
C LEU A 222 -6.42 -23.91 -13.89
N LEU A 223 -7.65 -23.54 -13.54
CA LEU A 223 -8.80 -23.58 -14.45
C LEU A 223 -8.74 -22.56 -15.58
N THR A 224 -7.93 -21.48 -15.43
CA THR A 224 -7.75 -20.47 -16.49
C THR A 224 -6.44 -20.74 -17.22
N TYR A 225 -5.84 -21.93 -16.97
CA TYR A 225 -4.58 -22.40 -17.57
C TYR A 225 -3.42 -21.40 -17.36
N CYS A 226 -3.45 -20.66 -16.23
CA CYS A 226 -2.44 -19.66 -15.85
C CYS A 226 -2.22 -18.52 -16.83
N ASP A 227 -3.27 -18.16 -17.62
CA ASP A 227 -3.17 -17.05 -18.57
C ASP A 227 -3.06 -15.76 -17.78
N SER A 228 -2.05 -14.95 -18.15
CA SER A 228 -1.72 -13.67 -17.49
C SER A 228 -2.88 -12.68 -17.49
N ASP A 229 -3.66 -12.63 -18.57
CA ASP A 229 -4.82 -11.74 -18.67
C ASP A 229 -6.00 -12.14 -17.78
N SER A 230 -6.03 -13.42 -17.36
CA SER A 230 -7.06 -13.95 -16.46
C SER A 230 -6.47 -14.20 -15.04
N SER A 231 -5.26 -13.64 -14.74
CA SER A 231 -4.62 -13.83 -13.43
C SER A 231 -5.43 -13.18 -12.30
N PRO A 232 -5.36 -13.70 -11.05
CA PRO A 232 -6.14 -13.09 -9.94
C PRO A 232 -5.81 -11.62 -9.71
N MET A 233 -4.56 -11.21 -9.99
CA MET A 233 -4.13 -9.83 -9.90
C MET A 233 -4.83 -9.03 -11.00
N ALA A 234 -4.75 -9.47 -12.29
CA ALA A 234 -5.41 -8.77 -13.41
C ALA A 234 -6.91 -8.64 -13.21
N LEU A 235 -7.57 -9.70 -12.72
CA LEU A 235 -9.02 -9.71 -12.47
C LEU A 235 -9.42 -8.82 -11.30
N PHE A 236 -8.70 -8.89 -10.16
CA PHE A 236 -9.02 -8.05 -9.01
C PHE A 236 -8.77 -6.57 -9.28
N LEU A 237 -7.71 -6.24 -10.05
CA LEU A 237 -7.39 -4.85 -10.44
C LEU A 237 -8.44 -4.29 -11.40
N LYS A 238 -9.12 -5.16 -12.18
CA LYS A 238 -10.18 -4.71 -13.08
C LYS A 238 -11.42 -4.41 -12.24
N MET A 239 -11.64 -5.19 -11.15
CA MET A 239 -12.76 -5.05 -10.23
C MET A 239 -12.65 -3.81 -9.36
N ILE A 240 -11.48 -3.60 -8.74
CA ILE A 240 -11.24 -2.50 -7.80
C ILE A 240 -10.65 -1.22 -8.38
N GLY A 241 -9.89 -1.33 -9.46
CA GLY A 241 -9.21 -0.20 -10.08
C GLY A 241 -7.71 -0.43 -10.07
N PRO A 242 -7.01 -0.21 -11.20
CA PRO A 242 -5.57 -0.53 -11.23
C PRO A 242 -4.59 0.58 -10.81
N THR A 243 -5.10 1.79 -10.48
CA THR A 243 -4.26 2.95 -10.11
C THR A 243 -4.48 3.51 -8.69
N HIS A 244 -4.79 2.65 -7.70
CA HIS A 244 -5.00 3.08 -6.32
C HIS A 244 -3.74 3.11 -5.43
N GLY A 245 -2.62 2.60 -5.97
CA GLY A 245 -1.33 2.56 -5.30
C GLY A 245 -1.34 1.99 -3.89
N GLN A 246 -1.05 2.83 -2.89
CA GLN A 246 -1.02 2.47 -1.46
C GLN A 246 -2.42 2.14 -0.89
N MET A 247 -3.49 2.50 -1.64
CA MET A 247 -4.88 2.24 -1.26
C MET A 247 -5.43 0.91 -1.78
N THR A 248 -4.66 0.19 -2.63
CA THR A 248 -5.04 -1.09 -3.24
C THR A 248 -5.57 -2.13 -2.26
N VAL A 249 -4.83 -2.37 -1.14
CA VAL A 249 -5.23 -3.37 -0.13
C VAL A 249 -6.57 -3.05 0.54
N THR A 250 -6.78 -1.79 0.98
CA THR A 250 -8.04 -1.35 1.59
C THR A 250 -9.21 -1.55 0.62
N ARG A 251 -9.02 -1.16 -0.66
CA ARG A 251 -10.04 -1.33 -1.70
C ARG A 251 -10.25 -2.81 -2.03
N LEU A 252 -9.21 -3.65 -1.79
CA LEU A 252 -9.33 -5.08 -2.00
C LEU A 252 -10.14 -5.69 -0.84
N VAL A 253 -9.84 -5.31 0.42
CA VAL A 253 -10.54 -5.74 1.63
C VAL A 253 -12.04 -5.33 1.61
N ASN A 254 -12.35 -4.09 1.19
CA ASN A 254 -13.75 -3.62 1.09
C ASN A 254 -14.56 -4.45 0.11
N THR A 255 -13.97 -4.76 -1.05
CA THR A 255 -14.54 -5.58 -2.11
C THR A 255 -14.86 -6.99 -1.55
N LEU A 256 -13.93 -7.57 -0.77
CA LEU A 256 -14.11 -8.88 -0.14
C LEU A 256 -15.19 -8.82 0.96
N LYS A 257 -15.23 -7.71 1.73
CA LYS A 257 -16.23 -7.45 2.77
C LYS A 257 -17.63 -7.34 2.17
N GLU A 258 -17.72 -6.87 0.91
CA GLU A 258 -18.97 -6.73 0.15
C GLU A 258 -19.48 -8.07 -0.39
N GLY A 259 -18.65 -9.12 -0.31
CA GLY A 259 -18.98 -10.45 -0.78
C GLY A 259 -18.57 -10.72 -2.21
N LYS A 260 -17.86 -9.76 -2.85
CA LYS A 260 -17.37 -9.90 -4.22
C LYS A 260 -16.20 -10.89 -4.26
N ARG A 261 -16.23 -11.78 -5.25
CA ARG A 261 -15.20 -12.81 -5.41
C ARG A 261 -14.83 -12.92 -6.87
N LEU A 262 -13.70 -13.57 -7.18
CA LEU A 262 -13.23 -13.82 -8.56
C LEU A 262 -14.33 -14.51 -9.36
N PRO A 263 -14.51 -14.20 -10.67
CA PRO A 263 -15.62 -14.82 -11.42
C PRO A 263 -15.33 -16.25 -11.86
N CYS A 264 -16.39 -17.00 -12.25
CA CYS A 264 -16.26 -18.38 -12.72
C CYS A 264 -15.40 -18.46 -13.97
N PRO A 265 -14.34 -19.30 -13.98
CA PRO A 265 -13.51 -19.43 -15.19
C PRO A 265 -14.32 -19.85 -16.43
N PRO A 266 -13.93 -19.47 -17.67
CA PRO A 266 -14.70 -19.90 -18.84
C PRO A 266 -14.68 -21.43 -18.97
N ASN A 267 -15.86 -22.02 -19.27
CA ASN A 267 -16.07 -23.46 -19.42
C ASN A 267 -15.77 -24.28 -18.14
N CYS A 268 -15.95 -23.66 -16.97
CA CYS A 268 -15.78 -24.30 -15.66
C CYS A 268 -17.17 -24.63 -15.11
N PRO A 269 -17.52 -25.93 -14.89
CA PRO A 269 -18.87 -26.24 -14.38
C PRO A 269 -19.09 -25.72 -12.96
N ASP A 270 -20.35 -25.33 -12.66
CA ASP A 270 -20.75 -24.75 -11.38
C ASP A 270 -20.37 -25.55 -10.14
N GLU A 271 -20.44 -26.89 -10.20
CA GLU A 271 -20.08 -27.78 -9.10
C GLU A 271 -18.61 -27.63 -8.66
N VAL A 272 -17.72 -27.34 -9.62
CA VAL A 272 -16.30 -27.08 -9.41
C VAL A 272 -16.18 -25.67 -8.81
N TYR A 273 -16.89 -24.68 -9.41
CA TYR A 273 -16.94 -23.29 -8.97
C TYR A 273 -17.49 -23.14 -7.55
N GLN A 274 -18.45 -23.99 -7.16
CA GLN A 274 -19.05 -23.98 -5.82
C GLN A 274 -18.07 -24.43 -4.75
N LEU A 275 -17.16 -25.36 -5.11
CA LEU A 275 -16.11 -25.86 -4.20
C LEU A 275 -15.10 -24.75 -3.97
N MET A 276 -14.82 -23.97 -5.03
CA MET A 276 -13.91 -22.82 -5.04
C MET A 276 -14.46 -21.73 -4.12
N ARG A 277 -15.78 -21.45 -4.21
CA ARG A 277 -16.49 -20.48 -3.36
C ARG A 277 -16.49 -20.86 -1.88
N LYS A 278 -16.37 -22.16 -1.57
CA LYS A 278 -16.30 -22.64 -0.19
C LYS A 278 -14.93 -22.31 0.43
N CYS A 279 -13.90 -22.13 -0.42
CA CYS A 279 -12.56 -21.72 0.00
C CYS A 279 -12.57 -20.24 0.35
N TRP A 280 -13.51 -19.48 -0.22
CA TRP A 280 -13.59 -18.03 -0.05
C TRP A 280 -14.65 -17.48 0.92
N GLU A 281 -15.05 -18.25 1.94
CA GLU A 281 -15.99 -17.75 2.97
C GLU A 281 -15.21 -16.70 3.77
N PHE A 282 -15.83 -15.54 4.07
CA PHE A 282 -15.16 -14.44 4.77
C PHE A 282 -14.52 -14.87 6.09
N GLN A 283 -15.26 -15.64 6.90
CA GLN A 283 -14.79 -16.12 8.20
C GLN A 283 -14.00 -17.42 8.02
N PRO A 284 -12.75 -17.51 8.54
CA PRO A 284 -11.98 -18.76 8.41
C PRO A 284 -12.73 -20.02 8.83
N SER A 285 -13.45 -20.00 9.99
CA SER A 285 -14.21 -21.15 10.47
C SER A 285 -15.31 -21.66 9.54
N ASN A 286 -15.89 -20.78 8.70
CA ASN A 286 -16.93 -21.13 7.73
C ASN A 286 -16.38 -21.75 6.45
N ARG A 287 -15.05 -21.64 6.21
CA ARG A 287 -14.41 -22.20 5.03
C ARG A 287 -14.28 -23.70 5.11
N THR A 288 -14.35 -24.35 3.93
CA THR A 288 -14.13 -25.78 3.72
C THR A 288 -12.71 -26.16 4.17
N SER A 289 -12.48 -27.43 4.45
CA SER A 289 -11.14 -27.91 4.81
C SER A 289 -10.54 -28.60 3.60
N PHE A 290 -9.25 -28.98 3.67
CA PHE A 290 -8.62 -29.70 2.55
C PHE A 290 -9.19 -31.12 2.44
N GLN A 291 -9.58 -31.73 3.59
CA GLN A 291 -10.22 -33.06 3.66
C GLN A 291 -11.50 -33.09 2.83
N ASN A 292 -12.33 -32.06 3.00
CA ASN A 292 -13.63 -31.87 2.34
C ASN A 292 -13.44 -31.60 0.86
N LEU A 293 -12.43 -30.76 0.51
CA LEU A 293 -12.06 -30.42 -0.87
C LEU A 293 -11.68 -31.68 -1.63
N ILE A 294 -10.79 -32.51 -1.04
CA ILE A 294 -10.35 -33.81 -1.58
C ILE A 294 -11.57 -34.67 -1.87
N GLU A 295 -12.48 -34.83 -0.87
CA GLU A 295 -13.73 -35.61 -0.97
C GLU A 295 -14.60 -35.09 -2.10
N GLY A 296 -14.69 -33.76 -2.21
CA GLY A 296 -15.48 -33.07 -3.23
C GLY A 296 -15.00 -33.32 -4.64
N PHE A 297 -13.67 -33.18 -4.87
CA PHE A 297 -13.06 -33.41 -6.18
C PHE A 297 -13.11 -34.89 -6.56
N GLU A 298 -12.79 -35.80 -5.61
CA GLU A 298 -12.85 -37.26 -5.84
C GLU A 298 -14.25 -37.69 -6.29
N ALA A 299 -15.31 -37.03 -5.76
CA ALA A 299 -16.72 -37.29 -6.12
C ALA A 299 -17.02 -36.85 -7.57
N LEU A 300 -16.24 -35.92 -8.12
CA LEU A 300 -16.40 -35.42 -9.49
C LEU A 300 -15.60 -36.23 -10.49
N LEU A 301 -14.53 -36.91 -10.02
CA LEU A 301 -13.65 -37.74 -10.84
C LEU A 301 -14.20 -39.15 -11.12
N LYS A 302 -15.24 -39.57 -10.37
CA LYS A 302 -15.89 -40.87 -10.52
C LYS A 302 -17.41 -40.74 -10.62
N GLU B 12 -9.88 46.51 -23.57
CA GLU B 12 -9.14 47.31 -22.59
C GLU B 12 -8.12 46.50 -21.78
N VAL B 13 -7.81 46.91 -20.53
CA VAL B 13 -6.83 46.21 -19.68
C VAL B 13 -7.47 45.38 -18.56
N ASP B 14 -7.09 44.10 -18.50
CA ASP B 14 -7.56 43.17 -17.49
C ASP B 14 -6.40 42.97 -16.49
N PRO B 15 -6.52 43.46 -15.24
CA PRO B 15 -5.43 43.29 -14.25
C PRO B 15 -5.22 41.85 -13.77
N THR B 16 -6.20 40.95 -14.04
CA THR B 16 -6.13 39.54 -13.69
C THR B 16 -5.60 38.69 -14.87
N HIS B 17 -5.16 39.34 -15.96
CA HIS B 17 -4.60 38.64 -17.12
C HIS B 17 -3.09 38.78 -17.16
N PHE B 18 -2.40 37.64 -17.05
CA PHE B 18 -0.95 37.57 -17.04
C PHE B 18 -0.48 36.88 -18.31
N GLU B 19 0.46 37.52 -19.02
CA GLU B 19 1.00 36.98 -20.26
C GLU B 19 2.21 36.09 -20.00
N LYS B 20 2.14 34.84 -20.46
CA LYS B 20 3.14 33.77 -20.36
C LYS B 20 4.60 34.26 -20.56
N ARG B 21 4.81 35.06 -21.60
CA ARG B 21 6.09 35.66 -22.02
C ARG B 21 6.80 36.55 -20.96
N PHE B 22 6.02 37.15 -20.03
CA PHE B 22 6.56 38.02 -18.99
C PHE B 22 6.79 37.33 -17.65
N LEU B 23 6.40 36.05 -17.57
CA LEU B 23 6.53 35.21 -16.38
C LEU B 23 7.92 34.59 -16.39
N LYS B 24 8.75 34.95 -15.40
CA LYS B 24 10.12 34.45 -15.30
C LYS B 24 10.26 33.59 -14.04
N ARG B 25 10.47 32.27 -14.19
CA ARG B 25 10.65 31.33 -13.08
C ARG B 25 11.91 31.68 -12.26
N ILE B 26 11.78 31.60 -10.91
CA ILE B 26 12.85 31.86 -9.93
C ILE B 26 13.18 30.57 -9.18
N ARG B 27 12.15 29.88 -8.61
CA ARG B 27 12.30 28.62 -7.87
C ARG B 27 10.98 27.88 -7.71
N ASP B 28 11.04 26.59 -7.32
CA ASP B 28 9.86 25.76 -7.10
C ASP B 28 9.35 25.96 -5.67
N LEU B 29 8.03 26.13 -5.52
CA LEU B 29 7.39 26.32 -4.21
C LEU B 29 6.80 25.00 -3.69
N GLY B 30 6.34 24.17 -4.61
CA GLY B 30 5.76 22.87 -4.31
C GLY B 30 5.31 22.13 -5.56
N GLU B 31 5.11 20.81 -5.44
CA GLU B 31 4.66 19.95 -6.53
C GLU B 31 4.04 18.63 -6.10
N GLY B 32 2.89 18.35 -6.70
CA GLY B 32 2.20 17.07 -6.57
C GLY B 32 2.67 16.21 -7.75
N HIS B 33 1.83 15.27 -8.19
CA HIS B 33 2.18 14.44 -9.35
C HIS B 33 1.63 15.05 -10.65
N PHE B 34 0.55 15.86 -10.55
N PHE B 34 0.56 15.85 -10.52
CA PHE B 34 -0.07 16.49 -11.71
CA PHE B 34 -0.24 16.48 -11.56
C PHE B 34 0.08 18.03 -11.74
C PHE B 34 -0.02 18.00 -11.69
N GLY B 35 0.34 18.65 -10.58
CA GLY B 35 0.53 20.08 -10.50
C GLY B 35 1.83 20.52 -9.87
N LYS B 36 2.26 21.74 -10.22
CA LYS B 36 3.46 22.35 -9.66
C LYS B 36 3.25 23.83 -9.41
N VAL B 37 3.88 24.34 -8.36
CA VAL B 37 3.80 25.73 -7.98
C VAL B 37 5.19 26.34 -8.04
N GLU B 38 5.34 27.43 -8.81
CA GLU B 38 6.63 28.10 -8.93
C GLU B 38 6.55 29.56 -8.53
N LEU B 39 7.64 30.06 -7.96
CA LEU B 39 7.84 31.47 -7.71
C LEU B 39 8.31 32.06 -9.06
N CYS B 40 7.58 33.05 -9.57
CA CYS B 40 7.85 33.74 -10.82
C CYS B 40 7.85 35.22 -10.60
N ARG B 41 8.60 35.95 -11.43
CA ARG B 41 8.53 37.40 -11.40
C ARG B 41 7.75 37.79 -12.66
N TYR B 42 6.67 38.56 -12.50
CA TYR B 42 5.94 39.03 -13.67
C TYR B 42 6.62 40.34 -14.07
N ASP B 43 7.31 40.33 -15.21
CA ASP B 43 8.11 41.47 -15.62
C ASP B 43 7.78 42.02 -17.04
N PRO B 44 6.57 42.61 -17.28
CA PRO B 44 6.27 43.16 -18.63
C PRO B 44 7.19 44.28 -19.13
N GLU B 45 7.93 44.95 -18.21
CA GLU B 45 8.88 46.02 -18.56
C GLU B 45 10.28 45.45 -18.86
N GLY B 46 10.50 44.19 -18.51
CA GLY B 46 11.75 43.46 -18.73
C GLY B 46 12.98 44.05 -18.07
N ASP B 47 12.82 44.73 -16.92
CA ASP B 47 13.93 45.39 -16.22
C ASP B 47 14.14 44.89 -14.78
N ASN B 48 13.54 43.75 -14.42
CA ASN B 48 13.62 43.11 -13.10
C ASN B 48 12.99 43.89 -11.94
N THR B 49 12.05 44.80 -12.25
CA THR B 49 11.36 45.59 -11.22
C THR B 49 9.98 44.98 -10.89
N GLY B 50 9.51 44.07 -11.75
CA GLY B 50 8.22 43.41 -11.63
C GLY B 50 7.94 42.69 -10.33
N GLU B 51 6.65 42.44 -10.07
CA GLU B 51 6.22 41.74 -8.86
C GLU B 51 6.41 40.22 -8.93
N GLN B 52 6.76 39.63 -7.79
CA GLN B 52 6.91 38.20 -7.61
C GLN B 52 5.51 37.62 -7.31
N VAL B 53 5.18 36.51 -7.96
CA VAL B 53 3.89 35.86 -7.84
C VAL B 53 4.10 34.35 -7.76
N ALA B 54 3.14 33.63 -7.18
CA ALA B 54 3.16 32.16 -7.16
C ALA B 54 2.32 31.71 -8.36
N VAL B 55 2.88 30.79 -9.15
CA VAL B 55 2.24 30.33 -10.39
C VAL B 55 2.02 28.82 -10.31
N LYS B 56 0.76 28.39 -10.39
CA LYS B 56 0.42 26.98 -10.37
C LYS B 56 0.12 26.57 -11.79
N SER B 57 0.75 25.48 -12.24
CA SER B 57 0.54 24.98 -13.59
C SER B 57 0.56 23.46 -13.58
N LEU B 58 0.07 22.85 -14.66
CA LEU B 58 0.03 21.39 -14.77
C LEU B 58 1.38 20.84 -15.18
N LYS B 59 1.72 19.67 -14.63
CA LYS B 59 2.95 18.94 -14.95
C LYS B 59 2.73 18.21 -16.27
N PRO B 60 3.75 18.07 -17.15
CA PRO B 60 3.55 17.33 -18.42
C PRO B 60 3.12 15.87 -18.21
N GLU B 61 2.00 15.47 -18.85
CA GLU B 61 1.41 14.14 -18.79
C GLU B 61 0.67 13.83 -20.10
N ASN B 65 -4.92 14.28 -19.02
CA ASN B 65 -5.00 15.73 -18.95
C ASN B 65 -5.91 16.17 -17.78
N HIS B 66 -5.39 17.06 -16.91
CA HIS B 66 -6.08 17.53 -15.70
C HIS B 66 -6.48 19.02 -15.75
N ILE B 67 -6.64 19.56 -16.97
CA ILE B 67 -7.04 20.95 -17.23
C ILE B 67 -8.35 21.34 -16.52
N ALA B 68 -9.39 20.46 -16.55
CA ALA B 68 -10.68 20.71 -15.91
C ALA B 68 -10.56 20.86 -14.41
N ASP B 69 -9.70 20.04 -13.78
CA ASP B 69 -9.40 20.09 -12.34
C ASP B 69 -8.77 21.42 -11.94
N LEU B 70 -7.77 21.89 -12.70
CA LEU B 70 -7.09 23.16 -12.44
C LEU B 70 -8.07 24.31 -12.64
N LYS B 71 -8.93 24.24 -13.70
CA LYS B 71 -9.93 25.28 -13.94
C LYS B 71 -10.94 25.36 -12.78
N LYS B 72 -11.34 24.20 -12.22
CA LYS B 72 -12.25 24.17 -11.07
C LYS B 72 -11.56 24.76 -9.85
N GLU B 73 -10.24 24.53 -9.67
CA GLU B 73 -9.47 25.08 -8.55
C GLU B 73 -9.42 26.60 -8.65
N ILE B 74 -9.13 27.11 -9.87
CA ILE B 74 -9.10 28.54 -10.18
C ILE B 74 -10.46 29.18 -9.83
N GLU B 75 -11.57 28.54 -10.24
CA GLU B 75 -12.91 29.07 -9.98
C GLU B 75 -13.25 29.05 -8.51
N ILE B 76 -12.78 28.02 -7.80
CA ILE B 76 -12.97 27.94 -6.34
C ILE B 76 -12.20 29.10 -5.68
N LEU B 77 -10.90 29.22 -5.98
CA LEU B 77 -10.03 30.24 -5.37
C LEU B 77 -10.37 31.68 -5.70
N ARG B 78 -10.81 31.94 -6.95
CA ARG B 78 -11.23 33.26 -7.42
C ARG B 78 -12.37 33.82 -6.56
N ASN B 79 -13.24 32.95 -6.01
CA ASN B 79 -14.40 33.36 -5.23
C ASN B 79 -14.29 33.20 -3.72
N LEU B 80 -13.08 32.90 -3.21
CA LEU B 80 -12.84 32.84 -1.77
C LEU B 80 -12.23 34.17 -1.39
N TYR B 81 -12.85 34.89 -0.44
CA TYR B 81 -12.36 36.18 0.04
C TYR B 81 -12.30 36.08 1.56
N HIS B 82 -11.12 35.75 2.08
CA HIS B 82 -10.93 35.59 3.52
C HIS B 82 -9.50 35.90 3.84
N GLU B 83 -9.27 36.62 4.95
CA GLU B 83 -7.92 37.00 5.37
C GLU B 83 -6.96 35.82 5.59
N ASN B 84 -7.51 34.63 5.90
CA ASN B 84 -6.74 33.41 6.13
C ASN B 84 -6.76 32.41 4.96
N ILE B 85 -7.05 32.94 3.76
CA ILE B 85 -7.03 32.18 2.52
C ILE B 85 -6.15 32.96 1.54
N VAL B 86 -5.15 32.28 0.93
CA VAL B 86 -4.26 32.92 -0.05
C VAL B 86 -5.07 33.62 -1.17
N LYS B 87 -4.61 34.80 -1.60
CA LYS B 87 -5.27 35.58 -2.64
C LYS B 87 -4.97 35.14 -4.06
N TYR B 88 -6.03 35.01 -4.84
CA TYR B 88 -6.00 34.80 -6.28
C TYR B 88 -5.57 36.13 -6.89
N LYS B 89 -4.63 36.12 -7.83
CA LYS B 89 -4.23 37.34 -8.55
C LYS B 89 -4.76 37.30 -9.99
N GLY B 90 -4.78 36.12 -10.57
CA GLY B 90 -5.25 35.99 -11.95
C GLY B 90 -4.92 34.67 -12.61
N ILE B 91 -5.04 34.68 -13.93
CA ILE B 91 -4.80 33.53 -14.79
C ILE B 91 -3.89 33.87 -15.94
N CYS B 92 -3.27 32.85 -16.49
CA CYS B 92 -2.39 32.93 -17.63
C CYS B 92 -2.92 31.96 -18.67
N THR B 93 -3.29 32.48 -19.84
CA THR B 93 -3.82 31.73 -20.97
C THR B 93 -3.12 32.17 -22.25
N GLU B 94 -2.87 31.21 -23.17
CA GLU B 94 -2.26 31.48 -24.47
C GLU B 94 -3.25 31.18 -25.59
N GLY B 97 -5.50 28.19 -27.61
CA GLY B 97 -4.95 28.00 -26.28
C GLY B 97 -5.87 27.22 -25.37
N ASN B 98 -5.51 25.95 -25.07
CA ASN B 98 -6.28 25.06 -24.20
C ASN B 98 -5.84 25.18 -22.73
N GLY B 99 -4.53 25.35 -22.54
CA GLY B 99 -3.89 25.44 -21.23
C GLY B 99 -4.19 26.69 -20.42
N ILE B 100 -3.94 26.59 -19.12
CA ILE B 100 -4.15 27.65 -18.15
C ILE B 100 -3.15 27.51 -16.98
N LYS B 101 -2.81 28.66 -16.36
CA LYS B 101 -1.98 28.73 -15.15
C LYS B 101 -2.73 29.58 -14.13
N LEU B 102 -2.59 29.24 -12.84
CA LEU B 102 -3.19 29.97 -11.73
C LEU B 102 -2.12 30.90 -11.16
N ILE B 103 -2.44 32.18 -11.01
CA ILE B 103 -1.52 33.19 -10.48
C ILE B 103 -2.04 33.59 -9.13
N MET B 104 -1.19 33.47 -8.10
CA MET B 104 -1.51 33.80 -6.74
C MET B 104 -0.50 34.77 -6.16
N GLU B 105 -0.84 35.40 -5.06
CA GLU B 105 0.08 36.24 -4.33
C GLU B 105 1.19 35.34 -3.73
N PHE B 106 2.40 35.88 -3.63
CA PHE B 106 3.55 35.14 -3.09
C PHE B 106 3.83 35.59 -1.68
N LEU B 107 4.04 34.65 -0.76
CA LEU B 107 4.31 34.97 0.65
C LEU B 107 5.72 34.58 0.97
N PRO B 108 6.65 35.57 1.03
CA PRO B 108 8.08 35.25 1.21
C PRO B 108 8.49 34.41 2.40
N SER B 109 7.71 34.43 3.50
CA SER B 109 8.04 33.62 4.67
C SER B 109 7.79 32.11 4.42
N GLY B 110 7.09 31.78 3.35
CA GLY B 110 6.83 30.38 2.98
C GLY B 110 5.76 29.75 3.86
N SER B 111 5.79 28.42 3.98
CA SER B 111 4.81 27.73 4.80
C SER B 111 5.33 27.56 6.26
N LEU B 112 4.47 27.02 7.14
CA LEU B 112 4.79 26.72 8.53
C LEU B 112 5.97 25.76 8.61
N LYS B 113 6.13 24.89 7.59
CA LYS B 113 7.20 23.91 7.48
C LYS B 113 8.59 24.55 7.42
N GLU B 114 8.70 25.74 6.80
CA GLU B 114 9.95 26.46 6.66
C GLU B 114 10.07 27.50 7.78
N TYR B 115 8.95 28.19 8.06
CA TYR B 115 8.90 29.27 9.03
C TYR B 115 9.12 28.87 10.50
N LEU B 116 8.42 27.84 10.97
CA LEU B 116 8.49 27.39 12.36
C LEU B 116 9.87 26.91 12.81
N PRO B 117 10.61 26.01 12.09
CA PRO B 117 11.95 25.63 12.57
C PRO B 117 12.94 26.80 12.65
N LYS B 118 12.76 27.81 11.79
CA LYS B 118 13.63 29.00 11.75
C LYS B 118 13.30 30.04 12.83
N ASN B 119 12.04 30.10 13.30
CA ASN B 119 11.60 31.12 14.25
C ASN B 119 11.10 30.60 15.58
N LYS B 120 11.54 29.39 15.98
CA LYS B 120 11.21 28.74 17.27
C LYS B 120 11.37 29.71 18.45
N ASN B 121 12.48 30.47 18.49
CA ASN B 121 12.75 31.42 19.58
C ASN B 121 11.81 32.64 19.58
N LYS B 122 11.25 32.99 18.42
CA LYS B 122 10.36 34.12 18.23
C LYS B 122 8.90 33.72 18.53
N ILE B 123 8.50 32.48 18.17
CA ILE B 123 7.13 31.95 18.29
C ILE B 123 6.87 31.16 19.57
N ASN B 124 5.95 31.67 20.40
CA ASN B 124 5.55 31.03 21.65
C ASN B 124 4.16 30.36 21.52
N LEU B 125 3.70 29.69 22.58
CA LEU B 125 2.40 29.00 22.58
C LEU B 125 1.22 29.91 22.20
N LYS B 126 1.17 31.14 22.74
CA LYS B 126 0.13 32.12 22.45
C LYS B 126 0.01 32.41 20.95
N GLN B 127 1.16 32.63 20.27
CA GLN B 127 1.19 32.88 18.83
C GLN B 127 0.80 31.62 18.05
N GLN B 128 1.15 30.42 18.57
CA GLN B 128 0.77 29.14 17.95
C GLN B 128 -0.73 28.93 18.00
N LEU B 129 -1.37 29.29 19.13
CA LEU B 129 -2.81 29.16 19.30
C LEU B 129 -3.58 30.16 18.42
N LYS B 130 -2.96 31.31 18.11
CA LYS B 130 -3.53 32.34 17.25
C LYS B 130 -3.53 31.86 15.79
N TYR B 131 -2.45 31.16 15.39
CA TYR B 131 -2.34 30.52 14.07
C TYR B 131 -3.44 29.43 13.98
N ALA B 132 -3.60 28.62 15.04
CA ALA B 132 -4.62 27.57 15.11
C ALA B 132 -6.03 28.14 14.84
N VAL B 133 -6.39 29.28 15.50
CA VAL B 133 -7.67 30.00 15.32
C VAL B 133 -7.84 30.43 13.84
N GLN B 134 -6.78 30.99 13.24
CA GLN B 134 -6.79 31.48 11.86
C GLN B 134 -7.00 30.37 10.86
N ILE B 135 -6.33 29.21 11.08
CA ILE B 135 -6.52 28.03 10.22
C ILE B 135 -8.00 27.59 10.33
N CYS B 136 -8.51 27.50 11.56
CA CYS B 136 -9.91 27.11 11.82
C CYS B 136 -10.91 28.03 11.14
N LYS B 137 -10.63 29.36 11.16
CA LYS B 137 -11.47 30.39 10.56
C LYS B 137 -11.50 30.28 9.04
N GLY B 138 -10.33 30.10 8.40
CA GLY B 138 -10.23 29.89 6.97
C GLY B 138 -10.93 28.61 6.55
N MET B 139 -10.76 27.54 7.37
CA MET B 139 -11.40 26.23 7.14
C MET B 139 -12.92 26.30 7.33
N ASP B 140 -13.37 27.04 8.36
CA ASP B 140 -14.80 27.19 8.66
C ASP B 140 -15.49 27.95 7.53
N TYR B 141 -14.80 28.97 6.96
CA TYR B 141 -15.27 29.77 5.83
C TYR B 141 -15.46 28.87 4.59
N LEU B 142 -14.48 27.98 4.35
CA LEU B 142 -14.44 27.01 3.26
C LEU B 142 -15.61 26.03 3.38
N GLY B 143 -15.76 25.44 4.58
CA GLY B 143 -16.83 24.52 4.91
C GLY B 143 -18.24 25.09 4.76
N SER B 144 -18.41 26.39 5.14
CA SER B 144 -19.68 27.13 5.02
C SER B 144 -20.08 27.36 3.56
N ARG B 145 -19.11 27.24 2.63
CA ARG B 145 -19.33 27.37 1.18
C ARG B 145 -19.42 25.96 0.53
N GLN B 146 -19.68 24.93 1.37
CA GLN B 146 -19.85 23.51 1.01
C GLN B 146 -18.62 22.86 0.33
N TYR B 147 -17.41 23.20 0.82
CA TYR B 147 -16.19 22.63 0.29
C TYR B 147 -15.47 21.79 1.31
N VAL B 148 -14.83 20.74 0.78
CA VAL B 148 -14.02 19.79 1.50
C VAL B 148 -12.58 20.00 0.95
N HIS B 149 -11.63 20.36 1.86
CA HIS B 149 -10.24 20.72 1.48
C HIS B 149 -9.40 19.50 1.08
N ARG B 150 -9.40 18.44 1.91
CA ARG B 150 -8.70 17.16 1.65
C ARG B 150 -7.18 17.18 1.72
N ASP B 151 -6.54 18.33 1.97
CA ASP B 151 -5.08 18.36 2.01
C ASP B 151 -4.58 19.35 3.05
N LEU B 152 -5.26 19.40 4.21
CA LEU B 152 -4.87 20.33 5.23
C LEU B 152 -3.67 19.77 6.00
N ALA B 153 -2.51 20.42 5.85
CA ALA B 153 -1.24 20.07 6.48
C ALA B 153 -0.44 21.36 6.60
N ALA B 154 0.54 21.40 7.53
CA ALA B 154 1.38 22.57 7.80
C ALA B 154 2.12 23.07 6.58
N ARG B 155 2.53 22.17 5.68
CA ARG B 155 3.19 22.51 4.41
C ARG B 155 2.23 23.36 3.51
N ASN B 156 0.91 23.31 3.78
CA ASN B 156 -0.06 24.11 2.99
C ASN B 156 -0.52 25.34 3.72
N VAL B 157 0.06 25.59 4.91
CA VAL B 157 -0.28 26.78 5.70
C VAL B 157 0.85 27.80 5.52
N LEU B 158 0.56 28.88 4.81
CA LEU B 158 1.52 29.95 4.51
C LEU B 158 1.60 30.99 5.60
N VAL B 159 2.76 31.62 5.75
CA VAL B 159 2.97 32.67 6.72
C VAL B 159 2.95 34.03 6.05
N GLU B 160 1.94 34.84 6.36
CA GLU B 160 1.77 36.21 5.83
C GLU B 160 2.70 37.18 6.59
N SER B 161 2.76 37.01 7.92
CA SER B 161 3.61 37.76 8.84
C SER B 161 3.63 36.93 10.10
N GLU B 162 4.42 37.37 11.10
CA GLU B 162 4.51 36.72 12.40
C GLU B 162 3.13 36.59 13.08
N HIS B 163 2.18 37.45 12.71
CA HIS B 163 0.84 37.45 13.30
C HIS B 163 -0.25 36.88 12.40
N GLN B 164 0.06 36.49 11.15
CA GLN B 164 -0.97 36.00 10.23
C GLN B 164 -0.56 34.82 9.35
N VAL B 165 -1.45 33.82 9.26
CA VAL B 165 -1.29 32.65 8.40
C VAL B 165 -2.42 32.57 7.36
N LYS B 166 -2.19 31.88 6.24
CA LYS B 166 -3.19 31.68 5.18
C LYS B 166 -3.09 30.27 4.60
N ILE B 167 -4.25 29.65 4.32
CA ILE B 167 -4.28 28.35 3.66
C ILE B 167 -3.86 28.65 2.22
N GLY B 168 -2.82 27.96 1.74
CA GLY B 168 -2.19 28.31 0.47
C GLY B 168 -2.30 27.40 -0.72
N ASP B 169 -3.01 26.29 -0.59
CA ASP B 169 -3.15 25.36 -1.69
C ASP B 169 -4.49 24.70 -1.64
N PHE B 170 -5.13 24.60 -2.79
CA PHE B 170 -6.47 24.07 -2.94
C PHE B 170 -6.59 23.00 -4.01
N GLY B 171 -5.46 22.35 -4.34
CA GLY B 171 -5.38 21.30 -5.35
C GLY B 171 -6.33 20.13 -5.23
N LEU B 172 -6.75 19.77 -4.01
CA LEU B 172 -7.67 18.65 -3.76
C LEU B 172 -9.07 19.10 -3.29
N THR B 173 -9.31 20.41 -3.19
CA THR B 173 -10.59 20.96 -2.75
C THR B 173 -11.73 20.53 -3.67
N LYS B 174 -12.81 20.00 -3.06
CA LYS B 174 -13.97 19.52 -3.77
C LYS B 174 -15.24 20.07 -3.16
N ALA B 175 -16.26 20.29 -4.02
CA ALA B 175 -17.56 20.72 -3.57
C ALA B 175 -18.31 19.51 -3.05
N ILE B 176 -18.96 19.65 -1.88
CA ILE B 176 -19.84 18.58 -1.38
C ILE B 176 -21.17 18.86 -2.10
N GLU B 177 -21.73 17.86 -2.81
CA GLU B 177 -23.01 18.01 -3.51
C GLU B 177 -24.14 18.32 -2.51
N THR B 178 -25.17 19.07 -2.96
CA THR B 178 -26.34 19.45 -2.17
C THR B 178 -27.08 18.18 -1.68
N ASP B 179 -27.59 18.23 -0.42
CA ASP B 179 -28.31 17.14 0.26
C ASP B 179 -27.41 15.92 0.59
N LYS B 180 -26.08 16.12 0.55
CA LYS B 180 -25.05 15.12 0.86
C LYS B 180 -24.14 15.64 1.96
N GLU B 181 -23.58 14.74 2.77
CA GLU B 181 -22.68 15.10 3.87
C GLU B 181 -21.22 14.88 3.49
N THR B 184 -17.28 11.62 -2.35
CA THR B 184 -16.78 10.27 -2.57
C THR B 184 -15.50 10.32 -3.41
N VAL B 185 -14.37 9.92 -2.81
CA VAL B 185 -13.02 9.90 -3.40
C VAL B 185 -12.86 8.74 -4.39
N LYS B 186 -12.34 9.05 -5.59
CA LYS B 186 -12.06 8.07 -6.65
C LYS B 186 -10.54 7.88 -6.77
N ASP B 187 -9.82 8.99 -7.07
CA ASP B 187 -8.36 9.01 -7.19
C ASP B 187 -7.81 9.24 -5.78
N ASP B 188 -7.14 8.22 -5.22
CA ASP B 188 -6.64 8.24 -3.84
C ASP B 188 -5.17 7.79 -3.72
N ARG B 189 -4.51 7.60 -4.86
CA ARG B 189 -3.12 7.13 -5.03
C ARG B 189 -2.11 7.95 -4.23
N ASP B 190 -2.22 9.29 -4.30
CA ASP B 190 -1.28 10.21 -3.66
C ASP B 190 -1.84 10.87 -2.41
N SER B 191 -2.76 10.17 -1.71
CA SER B 191 -3.40 10.65 -0.48
C SER B 191 -2.38 10.86 0.67
N PRO B 192 -2.47 11.99 1.41
CA PRO B 192 -1.61 12.17 2.59
C PRO B 192 -2.22 11.35 3.74
N VAL B 193 -2.02 10.03 3.68
CA VAL B 193 -2.60 9.05 4.60
C VAL B 193 -2.39 9.34 6.10
N PHE B 194 -1.24 9.94 6.47
CA PHE B 194 -0.99 10.26 7.88
C PHE B 194 -1.74 11.45 8.42
N TRP B 195 -2.53 12.13 7.56
CA TRP B 195 -3.34 13.28 7.94
C TRP B 195 -4.81 12.92 7.84
N TYR B 196 -5.09 11.69 7.36
CA TYR B 196 -6.42 11.19 7.02
C TYR B 196 -7.20 10.44 8.10
N ALA B 197 -8.50 10.79 8.21
CA ALA B 197 -9.47 10.21 9.13
C ALA B 197 -9.77 8.77 8.69
N PRO B 198 -10.15 7.84 9.61
CA PRO B 198 -10.46 6.46 9.20
C PRO B 198 -11.50 6.32 8.09
N GLU B 199 -12.58 7.14 8.09
CA GLU B 199 -13.61 7.07 7.02
C GLU B 199 -13.05 7.36 5.62
N CYS B 200 -11.95 8.15 5.52
CA CYS B 200 -11.30 8.49 4.26
C CYS B 200 -10.43 7.32 3.82
N LEU B 201 -9.70 6.73 4.77
CA LEU B 201 -8.82 5.60 4.52
C LEU B 201 -9.61 4.31 4.25
N MET B 202 -10.75 4.10 4.94
CA MET B 202 -11.55 2.87 4.81
C MET B 202 -12.66 2.92 3.77
N GLN B 203 -13.40 4.04 3.70
CA GLN B 203 -14.56 4.14 2.80
C GLN B 203 -14.41 5.12 1.64
N SER B 204 -13.28 5.83 1.57
CA SER B 204 -12.98 6.85 0.57
C SER B 204 -14.09 7.94 0.52
N LYS B 205 -14.60 8.31 1.71
CA LYS B 205 -15.62 9.34 1.87
C LYS B 205 -15.01 10.51 2.60
N PHE B 206 -15.23 11.72 2.08
CA PHE B 206 -14.68 12.92 2.69
C PHE B 206 -15.76 13.90 3.19
N TYR B 207 -15.82 14.05 4.52
CA TYR B 207 -16.78 14.93 5.22
C TYR B 207 -16.05 16.17 5.67
N ILE B 208 -16.79 17.16 6.21
CA ILE B 208 -16.20 18.37 6.79
C ILE B 208 -15.40 17.94 8.05
N ALA B 209 -15.93 16.97 8.79
CA ALA B 209 -15.31 16.40 9.97
C ALA B 209 -13.99 15.70 9.64
N SER B 210 -13.78 15.31 8.36
CA SER B 210 -12.52 14.67 7.93
C SER B 210 -11.44 15.78 7.84
N ASP B 211 -11.85 17.01 7.48
CA ASP B 211 -10.96 18.18 7.47
C ASP B 211 -10.60 18.56 8.91
N VAL B 212 -11.53 18.32 9.87
CA VAL B 212 -11.33 18.55 11.30
C VAL B 212 -10.23 17.60 11.82
N TRP B 213 -10.30 16.30 11.43
CA TRP B 213 -9.28 15.31 11.78
C TRP B 213 -7.92 15.80 11.28
N SER B 214 -7.86 16.22 10.00
CA SER B 214 -6.62 16.73 9.37
C SER B 214 -6.10 17.96 10.07
N PHE B 215 -7.00 18.81 10.60
CA PHE B 215 -6.59 20.02 11.34
C PHE B 215 -5.88 19.63 12.65
N GLY B 216 -6.38 18.61 13.33
CA GLY B 216 -5.82 18.11 14.57
C GLY B 216 -4.38 17.68 14.36
N VAL B 217 -4.13 17.03 13.19
CA VAL B 217 -2.81 16.57 12.76
C VAL B 217 -1.91 17.78 12.48
N THR B 218 -2.44 18.78 11.73
CA THR B 218 -1.75 20.04 11.43
C THR B 218 -1.42 20.81 12.72
N LEU B 219 -2.34 20.80 13.71
CA LEU B 219 -2.17 21.43 15.01
C LEU B 219 -0.99 20.77 15.75
N HIS B 220 -0.87 19.45 15.63
CA HIS B 220 0.22 18.68 16.21
C HIS B 220 1.56 19.12 15.59
N GLU B 221 1.59 19.34 14.26
CA GLU B 221 2.81 19.78 13.53
C GLU B 221 3.25 21.17 14.00
N LEU B 222 2.28 22.08 14.15
CA LEU B 222 2.46 23.46 14.58
C LEU B 222 3.08 23.49 15.98
N LEU B 223 2.55 22.67 16.90
CA LEU B 223 3.06 22.55 18.27
C LEU B 223 4.43 21.89 18.38
N THR B 224 4.85 21.12 17.34
CA THR B 224 6.18 20.50 17.30
C THR B 224 7.11 21.34 16.42
N TYR B 225 6.67 22.58 16.06
CA TYR B 225 7.39 23.54 15.23
C TYR B 225 7.82 22.94 13.87
N CYS B 226 7.02 22.00 13.34
CA CYS B 226 7.26 21.31 12.07
C CYS B 226 8.58 20.55 11.95
N ASP B 227 9.14 20.08 13.08
CA ASP B 227 10.37 19.31 13.06
C ASP B 227 10.10 17.98 12.38
N SER B 228 10.96 17.63 11.40
CA SER B 228 10.86 16.41 10.58
C SER B 228 10.87 15.13 11.40
N ASP B 229 11.67 15.08 12.47
CA ASP B 229 11.75 13.91 13.36
C ASP B 229 10.50 13.70 14.22
N SER B 230 9.70 14.77 14.41
CA SER B 230 8.44 14.72 15.15
C SER B 230 7.23 14.80 14.19
N SER B 231 7.44 14.62 12.86
CA SER B 231 6.36 14.69 11.87
C SER B 231 5.32 13.57 12.06
N PRO B 232 4.04 13.77 11.69
CA PRO B 232 3.03 12.71 11.88
C PRO B 232 3.37 11.41 11.15
N MET B 233 4.09 11.51 10.02
CA MET B 233 4.57 10.35 9.28
C MET B 233 5.65 9.65 10.12
N ALA B 234 6.69 10.38 10.58
CA ALA B 234 7.76 9.78 11.41
C ALA B 234 7.23 9.13 12.68
N LEU B 235 6.27 9.78 13.35
CA LEU B 235 5.65 9.26 14.59
C LEU B 235 4.77 8.04 14.35
N PHE B 236 3.90 8.08 13.31
CA PHE B 236 3.04 6.94 13.00
C PHE B 236 3.83 5.73 12.53
N LEU B 237 4.93 5.95 11.76
CA LEU B 237 5.81 4.85 11.29
C LEU B 237 6.59 4.22 12.44
N LYS B 238 6.84 4.99 13.52
CA LYS B 238 7.50 4.43 14.69
C LYS B 238 6.52 3.55 15.46
N MET B 239 5.24 3.95 15.46
CA MET B 239 4.14 3.26 16.14
C MET B 239 3.78 1.95 15.44
N ILE B 240 3.58 1.99 14.12
CA ILE B 240 3.13 0.86 13.32
C ILE B 240 4.23 -0.01 12.67
N GLY B 241 5.38 0.59 12.39
CA GLY B 241 6.48 -0.09 11.71
C GLY B 241 6.79 0.61 10.40
N PRO B 242 8.07 0.90 10.10
CA PRO B 242 8.36 1.66 8.87
C PRO B 242 8.60 0.85 7.58
N THR B 243 8.56 -0.51 7.64
CA THR B 243 8.80 -1.37 6.48
C THR B 243 7.62 -2.28 6.06
N HIS B 244 6.38 -1.82 6.21
CA HIS B 244 5.19 -2.60 5.84
C HIS B 244 4.73 -2.44 4.37
N GLY B 245 5.33 -1.48 3.65
CA GLY B 245 5.05 -1.21 2.24
C GLY B 245 3.59 -1.00 1.92
N GLN B 246 3.02 -1.90 1.10
CA GLN B 246 1.60 -1.88 0.68
C GLN B 246 0.62 -2.15 1.84
N MET B 247 1.13 -2.66 2.99
CA MET B 247 0.35 -2.96 4.19
C MET B 247 0.25 -1.79 5.18
N THR B 248 0.99 -0.68 4.92
CA THR B 248 1.06 0.51 5.79
C THR B 248 -0.31 1.07 6.17
N VAL B 249 -1.21 1.28 5.18
CA VAL B 249 -2.55 1.82 5.43
C VAL B 249 -3.41 0.94 6.34
N THR B 250 -3.46 -0.40 6.08
CA THR B 250 -4.22 -1.34 6.92
C THR B 250 -3.70 -1.31 8.37
N ARG B 251 -2.37 -1.31 8.54
CA ARG B 251 -1.73 -1.24 9.86
C ARG B 251 -1.96 0.13 10.51
N LEU B 252 -2.17 1.17 9.68
CA LEU B 252 -2.47 2.51 10.18
C LEU B 252 -3.93 2.53 10.68
N VAL B 253 -4.87 1.98 9.88
CA VAL B 253 -6.30 1.87 10.20
C VAL B 253 -6.54 1.02 11.48
N ASN B 254 -5.84 -0.12 11.63
CA ASN B 254 -5.96 -0.98 12.82
C ASN B 254 -5.55 -0.26 14.09
N THR B 255 -4.44 0.49 14.02
CA THR B 255 -3.88 1.31 15.09
C THR B 255 -4.93 2.37 15.52
N LEU B 256 -5.58 3.02 14.54
CA LEU B 256 -6.62 4.03 14.79
C LEU B 256 -7.89 3.38 15.38
N LYS B 257 -8.24 2.15 14.89
CA LYS B 257 -9.37 1.35 15.38
C LYS B 257 -9.16 0.95 16.84
N GLU B 258 -7.88 0.78 17.26
CA GLU B 258 -7.47 0.43 18.61
C GLU B 258 -7.55 1.62 19.58
N GLY B 259 -7.73 2.83 19.02
CA GLY B 259 -7.83 4.06 19.79
C GLY B 259 -6.50 4.78 19.98
N LYS B 260 -5.42 4.26 19.34
CA LYS B 260 -4.10 4.86 19.39
C LYS B 260 -4.07 6.16 18.57
N ARG B 261 -3.47 7.20 19.13
CA ARG B 261 -3.38 8.51 18.48
C ARG B 261 -1.98 9.06 18.69
N LEU B 262 -1.61 10.10 17.91
CA LEU B 262 -0.32 10.79 18.01
C LEU B 262 -0.10 11.27 19.47
N PRO B 263 1.14 11.22 20.00
CA PRO B 263 1.33 11.61 21.41
C PRO B 263 1.36 13.12 21.63
N CYS B 264 1.19 13.55 22.89
CA CYS B 264 1.20 14.97 23.26
C CYS B 264 2.54 15.62 22.92
N PRO B 265 2.56 16.73 22.15
CA PRO B 265 3.84 17.39 21.84
C PRO B 265 4.61 17.80 23.11
N PRO B 266 5.96 17.85 23.09
CA PRO B 266 6.70 18.28 24.31
C PRO B 266 6.32 19.70 24.70
N ASN B 267 6.09 19.92 26.01
CA ASN B 267 5.71 21.20 26.61
C ASN B 267 4.37 21.78 26.08
N CYS B 268 3.44 20.89 25.66
CA CYS B 268 2.10 21.26 25.20
C CYS B 268 1.13 20.97 26.35
N PRO B 269 0.42 22.01 26.89
CA PRO B 269 -0.51 21.75 28.01
C PRO B 269 -1.69 20.87 27.61
N ASP B 270 -2.16 20.04 28.56
CA ASP B 270 -3.24 19.08 28.35
C ASP B 270 -4.54 19.65 27.76
N GLU B 271 -4.92 20.88 28.14
CA GLU B 271 -6.13 21.56 27.65
C GLU B 271 -6.09 21.79 26.12
N VAL B 272 -4.87 22.02 25.58
CA VAL B 272 -4.62 22.19 24.15
C VAL B 272 -4.68 20.80 23.52
N TYR B 273 -3.99 19.81 24.15
CA TYR B 273 -3.96 18.41 23.70
C TYR B 273 -5.36 17.76 23.68
N GLN B 274 -6.24 18.15 24.62
CA GLN B 274 -7.61 17.64 24.70
C GLN B 274 -8.47 18.13 23.54
N LEU B 275 -8.21 19.36 23.05
CA LEU B 275 -8.90 19.93 21.90
C LEU B 275 -8.50 19.19 20.64
N MET B 276 -7.21 18.80 20.56
CA MET B 276 -6.58 18.03 19.48
C MET B 276 -7.23 16.65 19.42
N ARG B 277 -7.40 16.00 20.58
CA ARG B 277 -8.05 14.67 20.73
C ARG B 277 -9.52 14.68 20.29
N LYS B 278 -10.19 15.83 20.38
CA LYS B 278 -11.58 15.98 19.95
C LYS B 278 -11.67 15.98 18.42
N CYS B 279 -10.56 16.34 17.72
CA CYS B 279 -10.47 16.30 16.26
C CYS B 279 -10.32 14.84 15.81
N TRP B 280 -9.79 13.98 16.69
CA TRP B 280 -9.49 12.59 16.38
C TRP B 280 -10.48 11.51 16.88
N GLU B 281 -11.78 11.85 17.07
CA GLU B 281 -12.79 10.85 17.46
C GLU B 281 -12.97 9.96 16.22
N PHE B 282 -13.04 8.62 16.42
CA PHE B 282 -13.15 7.66 15.31
C PHE B 282 -14.32 7.96 14.37
N GLN B 283 -15.50 8.24 14.95
CA GLN B 283 -16.71 8.54 14.18
C GLN B 283 -16.76 10.02 13.83
N PRO B 284 -16.93 10.39 12.53
CA PRO B 284 -17.00 11.81 12.15
C PRO B 284 -18.00 12.63 12.98
N SER B 285 -19.21 12.11 13.24
CA SER B 285 -20.24 12.80 14.02
C SER B 285 -19.85 13.14 15.47
N ASN B 286 -18.96 12.34 16.07
CA ASN B 286 -18.47 12.56 17.44
C ASN B 286 -17.34 13.60 17.53
N ARG B 287 -16.74 13.98 16.37
CA ARG B 287 -15.68 14.97 16.33
C ARG B 287 -16.20 16.37 16.53
N THR B 288 -15.35 17.22 17.14
CA THR B 288 -15.57 18.65 17.35
C THR B 288 -15.73 19.34 15.99
N SER B 289 -16.33 20.54 15.97
CA SER B 289 -16.45 21.31 14.74
C SER B 289 -15.39 22.42 14.76
N PHE B 290 -15.24 23.17 13.65
CA PHE B 290 -14.30 24.30 13.63
C PHE B 290 -14.80 25.44 14.51
N GLN B 291 -16.15 25.61 14.62
CA GLN B 291 -16.80 26.61 15.47
C GLN B 291 -16.39 26.42 16.94
N ASN B 292 -16.45 25.16 17.41
CA ASN B 292 -16.11 24.74 18.76
C ASN B 292 -14.64 24.89 19.03
N LEU B 293 -13.78 24.53 18.04
CA LEU B 293 -12.33 24.66 18.10
C LEU B 293 -11.94 26.11 18.31
N ILE B 294 -12.51 27.02 17.48
CA ILE B 294 -12.33 28.48 17.57
C ILE B 294 -12.66 28.95 18.99
N GLU B 295 -13.87 28.57 19.51
CA GLU B 295 -14.35 28.92 20.85
C GLU B 295 -13.38 28.42 21.92
N GLY B 296 -12.88 27.20 21.74
CA GLY B 296 -11.94 26.54 22.65
C GLY B 296 -10.61 27.26 22.75
N PHE B 297 -10.00 27.61 21.59
CA PHE B 297 -8.72 28.33 21.54
C PHE B 297 -8.87 29.76 22.06
N GLU B 298 -9.94 30.48 21.64
CA GLU B 298 -10.23 31.85 22.10
C GLU B 298 -10.31 31.90 23.63
N ALA B 299 -10.86 30.83 24.26
CA ALA B 299 -10.98 30.70 25.73
C ALA B 299 -9.60 30.55 26.41
N LEU B 300 -8.58 30.07 25.67
CA LEU B 300 -7.21 29.89 26.17
C LEU B 300 -6.37 31.16 25.97
N LEU B 301 -6.75 32.00 25.01
CA LEU B 301 -6.06 33.25 24.66
C LEU B 301 -6.44 34.46 25.53
N LYS B 302 -7.62 34.42 26.18
CA LYS B 302 -8.13 35.49 27.05
C LYS B 302 -7.33 35.62 28.34
#